data_3AMM
#
_entry.id   3AMM
#
_cell.length_a   42.259
_cell.length_b   73.876
_cell.length_c   181.159
_cell.angle_alpha   90.00
_cell.angle_beta   90.00
_cell.angle_gamma   90.00
#
_symmetry.space_group_name_H-M   'P 21 21 21'
#
loop_
_entity.id
_entity.type
_entity.pdbx_description
1 polymer Endo-1,4-beta-glucanase
2 branched beta-D-glucopyranose-(1-4)-beta-D-glucopyranose-(1-4)-beta-D-glucopyranose-(1-4)-beta-D-glucopyranose
3 water water
#
_entity_poly.entity_id   1
_entity_poly.type   'polypeptide(L)'
_entity_poly.pdbx_seq_one_letter_code
;MGHHHHHHMVLMTKPGTSDFVWNGIPLSMELNLWNIKEYSGSVAMKFDGEKITFDADIQNLSPKEPERYVLGYPEFYYGY
KPWENHTAEGSKLPVPVSSMKSFSVEVSFDIHHEPSLPLNFAMETWLTREKYQTEASIGDVEIMVWFYFNNLTPGGEKIE
EFTIPFVLNGESVEGTWELWLAEWGWDYLAFRLKDPVKKGRVKFDVRHFLDAAGKALSSSARVKDFEDLYFTVWEIGTEF
GSPETKSAQFGWKFENFSIDLEVRE
;
_entity_poly.pdbx_strand_id   A,B
#
loop_
_chem_comp.id
_chem_comp.type
_chem_comp.name
_chem_comp.formula
BGC D-saccharide, beta linking beta-D-glucopyranose 'C6 H12 O6'
#
# COMPACT_ATOMS: atom_id res chain seq x y z
N MET A 9 12.68 -0.98 4.67
CA MET A 9 11.25 -1.14 4.26
C MET A 9 10.62 -2.39 4.91
N VAL A 10 9.52 -2.20 5.64
CA VAL A 10 8.82 -3.34 6.22
C VAL A 10 7.45 -3.50 5.52
N LEU A 11 7.12 -4.72 5.08
CA LEU A 11 5.82 -4.99 4.44
C LEU A 11 5.26 -6.29 4.96
N MET A 12 4.05 -6.23 5.51
CA MET A 12 3.39 -7.43 6.00
C MET A 12 2.06 -7.50 5.29
N THR A 13 1.69 -8.71 4.89
CA THR A 13 0.40 -8.90 4.24
C THR A 13 -0.43 -10.02 4.88
N LYS A 14 -0.05 -10.35 6.12
CA LYS A 14 -0.80 -11.33 6.95
C LYS A 14 -0.53 -10.90 8.41
N PRO A 15 -1.40 -11.31 9.35
CA PRO A 15 -1.20 -10.90 10.75
C PRO A 15 0.20 -11.22 11.26
N GLY A 16 0.81 -10.28 11.96
CA GLY A 16 2.14 -10.51 12.46
C GLY A 16 2.71 -9.23 13.05
N THR A 17 3.91 -9.32 13.59
CA THR A 17 4.57 -8.19 14.21
C THR A 17 5.96 -7.99 13.63
N SER A 18 6.35 -6.74 13.33
CA SER A 18 7.71 -6.46 12.85
C SER A 18 8.23 -5.26 13.59
N ASP A 19 9.53 -5.26 13.92
CA ASP A 19 10.10 -4.09 14.60
C ASP A 19 10.71 -3.20 13.56
N PHE A 20 10.80 -1.92 13.87
CA PHE A 20 11.44 -0.99 12.95
C PHE A 20 11.93 0.19 13.75
N VAL A 21 12.59 1.11 13.05
CA VAL A 21 13.15 2.28 13.69
C VAL A 21 12.67 3.45 12.86
N TRP A 22 12.08 4.45 13.51
CA TRP A 22 11.53 5.57 12.78
C TRP A 22 11.99 6.86 13.47
N ASN A 23 12.68 7.72 12.76
CA ASN A 23 13.23 8.96 13.31
C ASN A 23 14.03 8.65 14.56
N GLY A 24 14.80 7.56 14.51
CA GLY A 24 15.64 7.15 15.62
C GLY A 24 14.96 6.42 16.76
N ILE A 25 13.64 6.24 16.66
CA ILE A 25 12.83 5.61 17.70
C ILE A 25 12.51 4.17 17.34
N PRO A 26 12.83 3.20 18.25
CA PRO A 26 12.57 1.78 18.08
C PRO A 26 11.08 1.55 18.33
N LEU A 27 10.44 0.88 17.39
CA LEU A 27 8.98 0.68 17.42
C LEU A 27 8.61 -0.72 16.92
N SER A 28 7.36 -1.14 17.12
CA SER A 28 6.87 -2.42 16.61
C SER A 28 5.61 -2.10 15.85
N MET A 29 5.36 -2.82 14.78
CA MET A 29 4.08 -2.59 14.10
C MET A 29 3.42 -3.95 14.10
N GLU A 30 2.14 -4.00 14.39
CA GLU A 30 1.42 -5.26 14.41
C GLU A 30 0.16 -5.18 13.52
N LEU A 31 0.10 -6.08 12.54
CA LEU A 31 -1.04 -6.20 11.64
C LEU A 31 -1.89 -7.08 12.54
N ASN A 32 -2.64 -6.39 13.40
CA ASN A 32 -3.37 -7.03 14.51
C ASN A 32 -4.83 -7.26 14.21
N LEU A 33 -5.18 -8.53 13.95
CA LEU A 33 -6.57 -8.93 13.68
C LEU A 33 -6.95 -9.92 14.81
N TRP A 34 -6.63 -9.49 16.02
CA TRP A 34 -6.77 -10.35 17.21
C TRP A 34 -8.10 -11.02 17.48
N ASN A 35 -9.22 -10.40 17.10
CA ASN A 35 -10.52 -11.03 17.36
C ASN A 35 -11.20 -11.52 16.08
N ILE A 36 -10.43 -11.71 15.00
CA ILE A 36 -11.01 -12.25 13.74
C ILE A 36 -10.76 -13.75 13.62
N LYS A 37 -11.82 -14.52 13.49
CA LYS A 37 -11.73 -15.99 13.41
C LYS A 37 -11.31 -16.37 12.01
N GLU A 38 -11.94 -15.73 11.04
CA GLU A 38 -11.61 -15.99 9.66
C GLU A 38 -11.93 -14.80 8.77
N TYR A 39 -11.18 -14.70 7.65
CA TYR A 39 -11.44 -13.62 6.70
C TYR A 39 -10.93 -14.02 5.33
N SER A 40 -11.44 -13.37 4.28
CA SER A 40 -10.91 -13.55 2.94
C SER A 40 -10.54 -12.11 2.52
N GLY A 41 -9.78 -11.95 1.45
CA GLY A 41 -9.43 -10.63 0.97
C GLY A 41 -7.98 -10.28 1.29
N SER A 42 -7.66 -8.99 1.32
CA SER A 42 -6.27 -8.52 1.55
C SER A 42 -6.06 -7.57 2.66
N VAL A 43 -4.87 -7.65 3.28
CA VAL A 43 -4.48 -6.66 4.29
C VAL A 43 -3.02 -6.38 3.98
N ALA A 44 -2.60 -5.14 4.18
CA ALA A 44 -1.23 -4.81 3.92
C ALA A 44 -0.82 -3.68 4.88
N MET A 45 0.32 -3.84 5.55
CA MET A 45 0.83 -2.79 6.46
C MET A 45 2.27 -2.55 6.01
N LYS A 46 2.67 -1.30 5.90
CA LYS A 46 3.99 -0.99 5.36
C LYS A 46 4.66 0.15 6.05
N PHE A 47 5.97 0.03 6.30
CA PHE A 47 6.73 1.18 6.80
C PHE A 47 7.79 1.41 5.70
N ASP A 48 7.88 2.63 5.20
CA ASP A 48 8.87 2.87 4.13
C ASP A 48 10.00 3.82 4.53
N GLY A 49 10.15 4.06 5.83
CA GLY A 49 11.16 4.99 6.31
C GLY A 49 10.54 6.38 6.60
N GLU A 50 9.44 6.76 5.93
CA GLU A 50 8.83 8.09 6.14
C GLU A 50 7.44 8.00 6.76
N LYS A 51 6.72 6.90 6.48
CA LYS A 51 5.34 6.73 6.98
C LYS A 51 4.96 5.27 7.15
N ILE A 52 3.91 5.03 7.96
CA ILE A 52 3.39 3.71 8.17
C ILE A 52 2.02 3.77 7.54
N THR A 53 1.68 2.77 6.74
CA THR A 53 0.37 2.75 6.10
C THR A 53 -0.26 1.41 6.35
N PHE A 54 -1.58 1.38 6.38
CA PHE A 54 -2.29 0.14 6.56
C PHE A 54 -3.51 0.21 5.64
N ASP A 55 -3.83 -0.90 4.97
CA ASP A 55 -5.02 -0.97 4.14
C ASP A 55 -5.66 -2.30 4.25
N ALA A 56 -6.99 -2.33 4.24
CA ALA A 56 -7.68 -3.63 4.29
C ALA A 56 -8.87 -3.62 3.34
N ASP A 57 -9.16 -4.78 2.76
CA ASP A 57 -10.32 -4.93 1.91
C ASP A 57 -10.63 -6.40 2.16
N ILE A 58 -11.37 -6.67 3.24
CA ILE A 58 -11.64 -8.05 3.63
C ILE A 58 -13.13 -8.39 3.71
N GLN A 59 -13.44 -9.68 3.55
CA GLN A 59 -14.83 -10.14 3.59
C GLN A 59 -14.90 -11.46 4.35
N ASN A 60 -16.11 -12.02 4.39
CA ASN A 60 -16.37 -13.29 5.06
C ASN A 60 -15.84 -13.25 6.48
N LEU A 61 -16.05 -12.10 7.17
CA LEU A 61 -15.55 -11.95 8.53
C LEU A 61 -16.42 -12.56 9.59
N SER A 62 -15.79 -13.15 10.59
CA SER A 62 -16.58 -13.60 11.76
C SER A 62 -15.60 -13.40 12.93
N PRO A 63 -16.12 -13.05 14.10
CA PRO A 63 -15.29 -12.82 15.27
C PRO A 63 -14.88 -14.08 16.01
N LYS A 64 -13.75 -14.05 16.72
CA LYS A 64 -13.46 -15.25 17.54
C LYS A 64 -14.40 -15.23 18.73
N GLU A 65 -14.56 -14.04 19.32
CA GLU A 65 -15.41 -13.91 20.50
C GLU A 65 -16.28 -12.67 20.35
N PRO A 66 -17.57 -12.83 19.98
CA PRO A 66 -18.40 -11.62 19.81
C PRO A 66 -18.59 -10.78 21.05
N GLU A 67 -18.33 -11.34 22.22
CA GLU A 67 -18.50 -10.58 23.45
C GLU A 67 -17.45 -9.44 23.57
N ARG A 68 -16.31 -9.56 22.87
CA ARG A 68 -15.24 -8.52 22.89
C ARG A 68 -15.61 -7.38 21.89
N TYR A 69 -16.68 -7.62 21.13
CA TYR A 69 -17.21 -6.62 20.19
C TYR A 69 -16.42 -6.24 18.94
N VAL A 70 -15.23 -5.65 19.08
CA VAL A 70 -14.43 -5.26 17.90
C VAL A 70 -13.75 -6.48 17.29
N LEU A 71 -13.23 -6.35 16.07
CA LEU A 71 -12.55 -7.42 15.36
C LEU A 71 -11.00 -7.31 15.36
N GLY A 72 -10.47 -6.08 15.35
CA GLY A 72 -9.03 -5.95 15.28
C GLY A 72 -8.52 -4.60 15.68
N TYR A 73 -7.20 -4.45 15.67
CA TYR A 73 -6.55 -3.21 16.05
C TYR A 73 -5.17 -3.02 15.37
N PRO A 74 -5.13 -2.85 14.04
CA PRO A 74 -3.84 -2.65 13.33
C PRO A 74 -3.21 -1.41 13.98
N GLU A 75 -1.92 -1.50 14.37
CA GLU A 75 -1.32 -0.45 15.14
C GLU A 75 0.21 -0.49 15.10
N PHE A 76 0.85 0.51 15.68
CA PHE A 76 2.30 0.41 15.87
C PHE A 76 2.43 0.87 17.33
N TYR A 77 3.53 0.49 18.00
CA TYR A 77 3.67 0.88 19.38
C TYR A 77 5.11 1.08 19.82
N TYR A 78 5.25 1.82 20.91
CA TYR A 78 6.53 2.09 21.53
C TYR A 78 6.51 1.39 22.86
N GLY A 79 7.48 0.53 23.11
CA GLY A 79 7.50 -0.16 24.39
C GLY A 79 7.02 -1.61 24.37
N TYR A 80 6.62 -2.10 25.54
CA TYR A 80 6.29 -3.50 25.76
C TYR A 80 4.80 -3.78 25.79
N LYS A 81 4.32 -4.52 24.79
CA LYS A 81 2.89 -4.87 24.72
C LYS A 81 2.77 -6.18 25.48
N PRO A 82 2.10 -6.15 26.66
CA PRO A 82 1.97 -7.36 27.47
C PRO A 82 1.38 -8.56 26.79
N TRP A 83 0.26 -8.38 26.06
CA TRP A 83 -0.37 -9.49 25.41
C TRP A 83 0.50 -10.22 24.42
N GLU A 84 1.51 -9.54 23.87
CA GLU A 84 2.37 -10.21 22.90
C GLU A 84 3.74 -10.52 23.50
N ASN A 85 3.92 -10.19 24.78
CA ASN A 85 5.20 -10.43 25.50
C ASN A 85 6.32 -9.90 24.59
N HIS A 86 6.15 -8.69 24.10
CA HIS A 86 7.11 -8.18 23.13
C HIS A 86 7.42 -6.74 23.22
N THR A 87 8.70 -6.43 23.08
CA THR A 87 9.15 -5.07 22.96
C THR A 87 10.36 -5.05 22.03
N ALA A 88 10.49 -4.00 21.22
CA ALA A 88 11.66 -3.82 20.37
C ALA A 88 12.81 -3.41 21.29
N GLU A 89 14.05 -3.71 20.91
CA GLU A 89 15.14 -3.28 21.78
C GLU A 89 15.36 -1.78 21.80
N GLY A 90 15.72 -1.23 22.97
CA GLY A 90 16.04 0.18 23.05
C GLY A 90 14.94 1.10 23.57
N SER A 91 13.78 0.54 23.89
CA SER A 91 12.67 1.37 24.41
C SER A 91 12.94 1.82 25.85
N LYS A 92 12.51 3.04 26.21
CA LYS A 92 12.65 3.46 27.62
C LYS A 92 11.55 2.80 28.50
N LEU A 93 10.48 2.28 27.91
CA LEU A 93 9.42 1.63 28.73
C LEU A 93 9.67 0.11 28.84
N PRO A 94 9.08 -0.57 29.85
CA PRO A 94 8.19 -0.03 30.89
C PRO A 94 8.88 0.78 31.97
N VAL A 95 8.15 1.75 32.58
CA VAL A 95 8.69 2.47 33.75
C VAL A 95 7.50 2.68 34.70
N PRO A 96 7.75 2.79 36.02
CA PRO A 96 6.64 3.04 36.94
C PRO A 96 5.96 4.36 36.56
N VAL A 97 4.66 4.45 36.71
CA VAL A 97 3.90 5.68 36.42
C VAL A 97 4.50 6.87 37.18
N SER A 98 4.86 6.64 38.45
CA SER A 98 5.41 7.70 39.28
C SER A 98 6.72 8.31 38.75
N SER A 99 7.48 7.55 37.98
CA SER A 99 8.69 8.09 37.44
C SER A 99 8.48 8.92 36.14
N MET A 100 7.26 8.94 35.58
CA MET A 100 7.01 9.72 34.37
C MET A 100 6.68 11.17 34.66
N LYS A 101 7.57 12.09 34.30
CA LYS A 101 7.29 13.51 34.54
C LYS A 101 6.40 13.99 33.41
N SER A 102 6.69 13.56 32.20
CA SER A 102 5.87 13.95 31.05
C SER A 102 6.19 13.02 29.91
N PHE A 103 5.23 12.89 29.02
CA PHE A 103 5.41 11.98 27.86
C PHE A 103 4.63 12.57 26.68
N SER A 104 5.32 13.33 25.84
CA SER A 104 4.67 13.96 24.70
C SER A 104 4.68 13.01 23.52
N VAL A 105 3.55 12.94 22.84
CA VAL A 105 3.43 12.09 21.69
C VAL A 105 2.87 12.97 20.57
N GLU A 106 3.45 12.87 19.38
CA GLU A 106 2.99 13.67 18.28
C GLU A 106 2.90 12.79 17.05
N VAL A 107 1.82 12.95 16.27
CA VAL A 107 1.67 12.21 15.06
C VAL A 107 0.64 12.83 14.09
N SER A 108 0.89 12.69 12.78
CA SER A 108 -0.06 13.16 11.73
C SER A 108 -0.73 11.85 11.32
N PHE A 109 -2.02 11.95 11.00
CA PHE A 109 -2.76 10.77 10.62
C PHE A 109 -3.82 11.20 9.60
N ASP A 110 -4.15 10.26 8.73
CA ASP A 110 -5.18 10.43 7.72
C ASP A 110 -5.88 9.05 7.71
N ILE A 111 -7.14 9.01 8.15
CA ILE A 111 -7.90 7.77 8.26
C ILE A 111 -9.04 7.70 7.25
N HIS A 112 -9.20 6.61 6.54
CA HIS A 112 -10.32 6.51 5.59
C HIS A 112 -11.06 5.22 5.80
N HIS A 113 -12.37 5.18 5.51
CA HIS A 113 -13.11 3.96 5.72
C HIS A 113 -14.47 4.08 5.05
N GLU A 114 -15.05 2.92 4.68
CA GLU A 114 -16.39 2.94 4.12
C GLU A 114 -17.26 3.46 5.29
N PRO A 115 -18.26 4.30 4.98
CA PRO A 115 -19.13 4.91 5.98
C PRO A 115 -19.77 4.08 7.10
N SER A 116 -20.12 2.86 6.81
CA SER A 116 -20.80 2.07 7.78
C SER A 116 -19.90 1.36 8.75
N LEU A 117 -18.60 1.31 8.50
CA LEU A 117 -17.70 0.55 9.37
C LEU A 117 -17.39 1.09 10.78
N PRO A 118 -17.67 0.30 11.85
CA PRO A 118 -17.38 0.74 13.23
C PRO A 118 -15.86 0.88 13.26
N LEU A 119 -15.36 1.98 13.78
CA LEU A 119 -13.92 2.25 13.76
C LEU A 119 -13.55 3.40 14.68
N ASN A 120 -12.33 3.37 15.19
CA ASN A 120 -11.86 4.53 15.95
C ASN A 120 -10.37 4.73 15.57
N PHE A 121 -9.82 5.83 16.04
CA PHE A 121 -8.40 6.11 15.93
C PHE A 121 -8.12 6.25 17.44
N ALA A 122 -7.44 5.26 18.01
CA ALA A 122 -7.22 5.21 19.44
C ALA A 122 -5.84 4.85 19.82
N MET A 123 -5.38 5.49 20.87
CA MET A 123 -4.03 5.19 21.37
C MET A 123 -4.27 4.57 22.73
N GLU A 124 -3.32 3.78 23.22
CA GLU A 124 -3.55 3.24 24.53
C GLU A 124 -2.33 2.71 25.23
N THR A 125 -2.49 2.46 26.53
CA THR A 125 -1.44 1.88 27.33
C THR A 125 -2.06 0.86 28.24
N TRP A 126 -1.21 0.00 28.80
CA TRP A 126 -1.61 -1.00 29.77
C TRP A 126 -0.74 -0.72 31.03
N LEU A 127 -1.38 -0.50 32.18
CA LEU A 127 -0.64 -0.26 33.44
C LEU A 127 -0.71 -1.59 34.22
N THR A 128 0.44 -2.19 34.47
CA THR A 128 0.41 -3.47 35.13
C THR A 128 1.17 -3.47 36.46
N ARG A 129 0.79 -4.39 37.33
CA ARG A 129 1.44 -4.53 38.64
C ARG A 129 2.89 -4.99 38.53
N GLU A 130 3.20 -5.94 37.65
CA GLU A 130 4.60 -6.37 37.46
C GLU A 130 5.08 -5.77 36.15
N LYS A 131 6.39 -5.71 36.00
CA LYS A 131 6.96 -5.07 34.83
C LYS A 131 6.71 -5.73 33.48
N TYR A 132 6.79 -7.06 33.44
CA TYR A 132 6.59 -7.78 32.19
C TYR A 132 5.55 -8.89 32.28
N GLN A 133 4.31 -8.52 32.45
CA GLN A 133 3.24 -9.50 32.51
C GLN A 133 2.93 -9.88 31.12
N THR A 134 2.23 -11.00 30.96
CA THR A 134 1.82 -11.42 29.63
C THR A 134 0.30 -11.33 29.46
N GLU A 135 -0.35 -10.64 30.39
CA GLU A 135 -1.81 -10.39 30.32
C GLU A 135 -2.16 -9.31 31.33
N ALA A 136 -3.38 -8.77 31.27
CA ALA A 136 -3.80 -7.80 32.29
C ALA A 136 -4.88 -8.53 33.08
N SER A 137 -4.91 -8.36 34.39
CA SER A 137 -5.99 -8.98 35.18
C SER A 137 -6.44 -8.00 36.27
N ILE A 138 -7.17 -8.46 37.30
CA ILE A 138 -7.68 -7.54 38.34
C ILE A 138 -6.52 -6.85 39.04
N GLY A 139 -6.59 -5.53 39.10
CA GLY A 139 -5.54 -4.72 39.68
C GLY A 139 -4.77 -3.94 38.58
N ASP A 140 -4.96 -4.35 37.32
CA ASP A 140 -4.30 -3.69 36.18
C ASP A 140 -5.24 -2.70 35.47
N VAL A 141 -4.74 -1.85 34.59
CA VAL A 141 -5.64 -0.85 33.96
C VAL A 141 -5.29 -0.71 32.50
N GLU A 142 -6.31 -0.60 31.66
CA GLU A 142 -6.11 -0.33 30.24
C GLU A 142 -6.61 1.12 30.09
N ILE A 143 -5.80 2.02 29.55
CA ILE A 143 -6.24 3.38 29.34
C ILE A 143 -6.17 3.75 27.87
N MET A 144 -7.30 4.14 27.30
CA MET A 144 -7.31 4.55 25.89
C MET A 144 -7.62 6.03 25.74
N VAL A 145 -7.16 6.61 24.61
CA VAL A 145 -7.38 8.00 24.22
C VAL A 145 -7.85 7.93 22.75
N TRP A 146 -9.12 8.26 22.50
CA TRP A 146 -9.71 8.20 21.17
C TRP A 146 -9.80 9.57 20.55
N PHE A 147 -9.15 9.78 19.42
CA PHE A 147 -9.21 11.06 18.73
C PHE A 147 -10.28 11.06 17.68
N TYR A 148 -10.70 9.86 17.27
CA TYR A 148 -11.73 9.76 16.23
C TYR A 148 -12.57 8.50 16.46
N PHE A 149 -13.83 8.51 16.04
CA PHE A 149 -14.63 7.29 16.13
C PHE A 149 -15.72 7.39 15.07
N ASN A 150 -16.19 6.24 14.58
CA ASN A 150 -17.28 6.17 13.61
C ASN A 150 -18.10 4.95 13.98
N ASN A 151 -19.37 5.13 14.31
CA ASN A 151 -20.25 4.00 14.63
C ASN A 151 -19.64 3.09 15.71
N LEU A 152 -19.01 3.67 16.74
CA LEU A 152 -18.37 2.86 17.75
C LEU A 152 -18.34 3.70 18.99
N THR A 153 -18.69 3.07 20.08
CA THR A 153 -18.72 3.66 21.39
C THR A 153 -17.72 2.91 22.26
N PRO A 154 -17.09 3.56 23.29
CA PRO A 154 -16.15 2.80 24.12
C PRO A 154 -16.97 1.80 24.93
N GLY A 155 -16.26 0.91 25.59
CA GLY A 155 -16.92 -0.05 26.47
C GLY A 155 -17.33 0.63 27.78
N GLY A 156 -18.22 0.00 28.53
CA GLY A 156 -18.58 0.54 29.82
C GLY A 156 -19.61 1.63 29.74
N GLU A 157 -19.50 2.56 30.67
CA GLU A 157 -20.46 3.65 30.67
C GLU A 157 -19.74 4.97 30.82
N LYS A 158 -20.33 6.04 30.28
CA LYS A 158 -19.71 7.34 30.39
C LYS A 158 -19.95 7.86 31.79
N ILE A 159 -18.88 8.21 32.47
CA ILE A 159 -19.03 8.69 33.83
C ILE A 159 -18.70 10.13 34.05
N GLU A 160 -17.69 10.68 33.34
CA GLU A 160 -17.28 12.07 33.55
C GLU A 160 -16.81 12.71 32.25
N GLU A 161 -16.48 13.99 32.31
CA GLU A 161 -15.89 14.70 31.18
C GLU A 161 -14.68 15.41 31.78
N PHE A 162 -13.61 15.56 31.02
CA PHE A 162 -12.42 16.30 31.49
C PHE A 162 -12.02 17.29 30.40
N THR A 163 -11.53 18.46 30.78
CA THR A 163 -11.03 19.40 29.76
C THR A 163 -9.51 19.21 29.77
N ILE A 164 -8.95 18.67 28.69
CA ILE A 164 -7.52 18.41 28.58
C ILE A 164 -7.05 19.00 27.26
N PRO A 165 -5.99 19.82 27.30
CA PRO A 165 -5.42 20.49 26.15
C PRO A 165 -4.58 19.58 25.27
N PHE A 166 -4.52 19.90 24.00
CA PHE A 166 -3.64 19.20 23.09
C PHE A 166 -3.35 20.21 21.95
N VAL A 167 -2.37 19.91 21.12
CA VAL A 167 -2.06 20.79 20.01
C VAL A 167 -2.59 20.08 18.76
N LEU A 168 -3.48 20.77 18.07
CA LEU A 168 -4.14 20.24 16.88
C LEU A 168 -3.72 21.07 15.71
N ASN A 169 -3.06 20.42 14.76
CA ASN A 169 -2.57 21.09 13.57
C ASN A 169 -1.71 22.30 13.91
N GLY A 170 -0.94 22.15 14.98
CA GLY A 170 -0.04 23.20 15.39
C GLY A 170 -0.65 24.28 16.27
N GLU A 171 -1.95 24.21 16.55
CA GLU A 171 -2.60 25.21 17.40
C GLU A 171 -3.02 24.59 18.74
N SER A 172 -2.72 25.22 19.88
CA SER A 172 -3.18 24.60 21.15
C SER A 172 -4.67 24.82 21.27
N VAL A 173 -5.35 23.76 21.68
CA VAL A 173 -6.77 23.79 21.86
C VAL A 173 -7.08 23.08 23.21
N GLU A 174 -8.30 23.27 23.72
CA GLU A 174 -8.76 22.63 24.95
C GLU A 174 -9.75 21.56 24.46
N GLY A 175 -9.45 20.29 24.66
CA GLY A 175 -10.41 19.32 24.18
C GLY A 175 -11.32 18.94 25.33
N THR A 176 -12.54 18.53 24.99
CA THR A 176 -13.47 18.03 25.98
C THR A 176 -13.45 16.50 25.78
N TRP A 177 -13.11 15.78 26.84
CA TRP A 177 -12.98 14.33 26.73
C TRP A 177 -13.96 13.60 27.65
N GLU A 178 -14.72 12.67 27.09
CA GLU A 178 -15.62 11.90 27.93
C GLU A 178 -14.81 10.73 28.49
N LEU A 179 -15.03 10.35 29.71
CA LEU A 179 -14.33 9.21 30.29
C LEU A 179 -15.33 8.12 30.52
N TRP A 180 -15.09 7.00 29.84
CA TRP A 180 -15.92 5.84 29.94
C TRP A 180 -15.11 4.88 30.77
N LEU A 181 -15.79 4.15 31.64
CA LEU A 181 -15.11 3.21 32.51
C LEU A 181 -15.83 1.90 32.57
N ALA A 182 -15.08 0.80 32.61
CA ALA A 182 -15.67 -0.53 32.73
C ALA A 182 -14.84 -1.39 33.65
N GLU A 183 -15.53 -2.22 34.44
CA GLU A 183 -14.83 -3.12 35.32
C GLU A 183 -14.99 -4.49 34.68
N TRP A 184 -13.99 -4.91 33.93
CA TRP A 184 -14.07 -6.22 33.32
C TRP A 184 -12.99 -7.08 34.01
N GLY A 185 -12.25 -7.86 33.24
CA GLY A 185 -11.16 -8.67 33.82
C GLY A 185 -10.04 -7.77 34.30
N TRP A 186 -10.06 -6.52 33.87
CA TRP A 186 -9.11 -5.49 34.33
C TRP A 186 -9.97 -4.22 34.26
N ASP A 187 -9.45 -3.08 34.73
CA ASP A 187 -10.23 -1.86 34.66
C ASP A 187 -9.95 -1.21 33.31
N TYR A 188 -11.01 -0.79 32.63
CA TYR A 188 -10.90 -0.19 31.33
C TYR A 188 -11.36 1.27 31.46
N LEU A 189 -10.52 2.18 30.99
CA LEU A 189 -10.86 3.60 30.97
C LEU A 189 -10.58 4.10 29.56
N ALA A 190 -11.54 4.79 28.95
CA ALA A 190 -11.32 5.30 27.61
C ALA A 190 -11.75 6.76 27.65
N PHE A 191 -10.84 7.63 27.23
CA PHE A 191 -11.07 9.06 27.11
C PHE A 191 -11.42 9.28 25.62
N ARG A 192 -12.63 9.79 25.36
CA ARG A 192 -13.02 9.98 23.98
C ARG A 192 -13.24 11.44 23.65
N LEU A 193 -12.47 11.98 22.71
CA LEU A 193 -12.56 13.37 22.29
C LEU A 193 -14.00 13.63 21.75
N LYS A 194 -14.68 14.65 22.27
CA LYS A 194 -16.06 14.93 21.82
C LYS A 194 -16.19 15.49 20.43
N ASP A 195 -15.12 16.08 19.91
CA ASP A 195 -15.14 16.59 18.53
C ASP A 195 -14.11 15.71 17.81
N PRO A 196 -14.53 14.54 17.29
CA PRO A 196 -13.56 13.65 16.63
C PRO A 196 -12.86 14.27 15.43
N VAL A 197 -11.61 13.87 15.22
CA VAL A 197 -10.76 14.40 14.12
C VAL A 197 -10.33 13.18 13.27
N LYS A 198 -10.71 13.18 11.99
CA LYS A 198 -10.45 12.07 11.08
C LYS A 198 -9.08 12.14 10.36
N LYS A 199 -8.53 13.35 10.32
CA LYS A 199 -7.27 13.61 9.62
C LYS A 199 -6.70 14.87 10.24
N GLY A 200 -5.40 14.85 10.50
CA GLY A 200 -4.78 16.03 11.08
C GLY A 200 -3.51 15.68 11.82
N ARG A 201 -3.04 16.58 12.67
CA ARG A 201 -1.83 16.33 13.40
C ARG A 201 -2.15 16.67 14.83
N VAL A 202 -1.73 15.80 15.73
CA VAL A 202 -1.97 16.08 17.14
C VAL A 202 -0.72 15.88 17.97
N LYS A 203 -0.61 16.66 19.03
CA LYS A 203 0.49 16.51 19.97
C LYS A 203 -0.12 16.74 21.35
N PHE A 204 0.22 15.88 22.32
CA PHE A 204 -0.33 16.01 23.65
C PHE A 204 0.57 15.30 24.66
N ASP A 205 0.31 15.57 25.95
CA ASP A 205 1.12 14.99 27.01
C ASP A 205 0.28 13.89 27.64
N VAL A 206 0.77 12.66 27.52
CA VAL A 206 0.06 11.53 28.07
C VAL A 206 -0.14 11.67 29.61
N ARG A 207 0.75 12.40 30.30
CA ARG A 207 0.62 12.59 31.75
C ARG A 207 -0.73 13.20 32.16
N HIS A 208 -1.32 14.06 31.30
CA HIS A 208 -2.61 14.62 31.65
C HIS A 208 -3.68 13.56 31.76
N PHE A 209 -3.61 12.53 30.90
CA PHE A 209 -4.58 11.42 30.96
C PHE A 209 -4.30 10.49 32.14
N LEU A 210 -3.02 10.32 32.46
CA LEU A 210 -2.70 9.48 33.60
C LEU A 210 -3.24 10.18 34.86
N ASP A 211 -3.01 11.49 34.97
CA ASP A 211 -3.48 12.28 36.12
C ASP A 211 -5.03 12.13 36.27
N ALA A 212 -5.77 12.23 35.16
CA ALA A 212 -7.22 12.12 35.23
C ALA A 212 -7.61 10.68 35.60
N ALA A 213 -6.94 9.68 35.02
CA ALA A 213 -7.26 8.31 35.39
C ALA A 213 -6.99 8.04 36.87
N GLY A 214 -5.87 8.54 37.40
CA GLY A 214 -5.56 8.33 38.81
C GLY A 214 -6.65 8.87 39.72
N LYS A 215 -7.17 10.03 39.37
CA LYS A 215 -8.27 10.63 40.13
C LYS A 215 -9.55 9.78 40.01
N ALA A 216 -9.92 9.37 38.79
CA ALA A 216 -11.12 8.56 38.61
C ALA A 216 -11.06 7.24 39.31
N LEU A 217 -9.84 6.73 39.51
CA LEU A 217 -9.68 5.44 40.15
C LEU A 217 -9.26 5.57 41.62
N SER A 218 -9.29 6.79 42.15
CA SER A 218 -8.83 6.99 43.52
C SER A 218 -9.66 6.24 44.56
N SER A 219 -10.92 5.92 44.28
CA SER A 219 -11.70 5.19 45.25
C SER A 219 -11.96 3.73 44.83
N SER A 220 -11.18 3.20 43.90
CA SER A 220 -11.38 1.83 43.44
C SER A 220 -10.97 0.77 44.49
N ALA A 221 -11.72 -0.33 44.52
CA ALA A 221 -11.42 -1.45 45.41
C ALA A 221 -10.59 -2.47 44.60
N ARG A 222 -10.48 -2.26 43.30
CA ARG A 222 -9.71 -3.20 42.49
C ARG A 222 -8.30 -2.68 42.19
N VAL A 223 -8.19 -1.41 41.83
CA VAL A 223 -6.90 -0.83 41.50
C VAL A 223 -6.32 -0.23 42.74
N LYS A 224 -5.12 -0.65 43.10
CA LYS A 224 -4.44 -0.16 44.28
C LYS A 224 -3.14 0.45 43.78
N ASP A 225 -2.69 1.47 44.49
CA ASP A 225 -1.44 2.12 44.19
C ASP A 225 -1.18 2.37 42.67
N PHE A 226 -2.10 3.16 42.09
CA PHE A 226 -2.06 3.53 40.71
C PHE A 226 -0.68 4.04 40.29
N GLU A 227 -0.07 4.89 41.08
CA GLU A 227 1.21 5.46 40.66
C GLU A 227 2.37 4.46 40.71
N ASP A 228 2.16 3.32 41.34
CA ASP A 228 3.22 2.32 41.40
C ASP A 228 3.09 1.32 40.22
N LEU A 229 2.00 1.44 39.44
CA LEU A 229 1.85 0.52 38.31
C LEU A 229 2.92 0.81 37.24
N TYR A 230 3.24 -0.16 36.39
CA TYR A 230 4.19 0.10 35.31
C TYR A 230 3.42 0.55 34.05
N PHE A 231 3.88 1.67 33.46
CA PHE A 231 3.35 2.23 32.21
C PHE A 231 4.19 1.41 31.19
N THR A 232 3.56 0.42 30.58
CA THR A 232 4.28 -0.50 29.71
C THR A 232 4.53 -0.13 28.27
N VAL A 233 3.55 0.57 27.68
CA VAL A 233 3.62 0.79 26.25
C VAL A 233 2.76 1.97 25.79
N TRP A 234 2.96 2.40 24.56
CA TRP A 234 2.05 3.41 24.03
C TRP A 234 1.74 2.87 22.61
N GLU A 235 0.50 2.46 22.38
CA GLU A 235 0.05 1.89 21.12
C GLU A 235 -0.80 2.92 20.40
N ILE A 236 -0.72 2.93 19.06
CA ILE A 236 -1.43 3.92 18.22
C ILE A 236 -1.96 3.09 17.05
N GLY A 237 -3.29 3.11 16.89
CA GLY A 237 -3.90 2.35 15.83
C GLY A 237 -5.37 2.62 15.69
N THR A 238 -6.04 1.74 14.96
CA THR A 238 -7.48 1.86 14.73
C THR A 238 -8.23 0.58 15.06
N GLU A 239 -9.06 0.62 16.08
CA GLU A 239 -9.89 -0.57 16.32
C GLU A 239 -10.93 -0.55 15.24
N PHE A 240 -11.45 -1.72 14.87
CA PHE A 240 -12.52 -1.74 13.86
C PHE A 240 -13.42 -2.96 13.97
N GLY A 241 -14.65 -2.82 13.46
CA GLY A 241 -15.61 -3.90 13.41
C GLY A 241 -16.53 -4.06 14.62
N SER A 242 -17.61 -4.79 14.43
CA SER A 242 -18.56 -5.12 15.50
C SER A 242 -18.85 -6.59 15.19
N PRO A 243 -19.64 -7.26 16.03
CA PRO A 243 -19.97 -8.67 15.82
C PRO A 243 -20.80 -8.85 14.53
N GLU A 244 -21.45 -7.79 14.04
CA GLU A 244 -22.23 -7.93 12.79
C GLU A 244 -21.45 -7.54 11.52
N THR A 245 -20.19 -7.10 11.66
CA THR A 245 -19.42 -6.64 10.49
C THR A 245 -19.00 -7.83 9.64
N LYS A 246 -19.39 -7.87 8.37
CA LYS A 246 -19.05 -9.04 7.53
C LYS A 246 -17.95 -8.77 6.53
N SER A 247 -17.69 -7.50 6.27
CA SER A 247 -16.63 -7.09 5.33
C SER A 247 -16.08 -5.71 5.81
N ALA A 248 -14.83 -5.42 5.50
CA ALA A 248 -14.30 -4.14 5.94
C ALA A 248 -13.34 -3.55 4.93
N GLN A 249 -13.60 -2.32 4.54
CA GLN A 249 -12.65 -1.66 3.63
C GLN A 249 -12.25 -0.36 4.35
N PHE A 250 -10.96 -0.20 4.65
CA PHE A 250 -10.51 1.00 5.32
C PHE A 250 -8.98 1.03 5.30
N GLY A 251 -8.42 2.12 5.78
CA GLY A 251 -6.97 2.23 5.82
C GLY A 251 -6.56 3.51 6.50
N TRP A 252 -5.26 3.62 6.73
CA TRP A 252 -4.76 4.81 7.32
C TRP A 252 -3.32 5.04 6.96
N LYS A 253 -2.87 6.25 7.24
CA LYS A 253 -1.50 6.63 7.02
C LYS A 253 -1.06 7.46 8.24
N PHE A 254 0.08 7.14 8.84
CA PHE A 254 0.63 7.90 9.94
C PHE A 254 2.00 8.46 9.48
N GLU A 255 2.30 9.68 9.87
CA GLU A 255 3.52 10.35 9.47
C GLU A 255 3.96 11.29 10.58
N ASN A 256 5.17 11.84 10.44
CA ASN A 256 5.66 12.89 11.35
C ASN A 256 5.59 12.49 12.84
N PHE A 257 5.97 11.28 13.14
CA PHE A 257 5.87 10.78 14.51
C PHE A 257 7.06 11.22 15.39
N SER A 258 6.80 11.69 16.61
CA SER A 258 7.89 12.01 17.57
C SER A 258 7.34 11.77 18.99
N ILE A 259 8.25 11.54 19.95
CA ILE A 259 7.90 11.34 21.35
C ILE A 259 8.98 11.98 22.18
N ASP A 260 8.63 12.39 23.39
CA ASP A 260 9.63 12.95 24.30
C ASP A 260 9.18 12.42 25.65
N LEU A 261 9.85 11.40 26.15
CA LEU A 261 9.52 10.83 27.43
C LEU A 261 10.52 11.34 28.47
N GLU A 262 10.01 12.02 29.50
CA GLU A 262 10.86 12.56 30.58
C GLU A 262 10.63 11.69 31.80
N VAL A 263 11.64 10.92 32.14
CA VAL A 263 11.57 9.98 33.23
C VAL A 263 12.44 10.50 34.35
N HIS B 5 -20.80 0.01 -12.86
CA HIS B 5 -20.30 0.73 -11.64
C HIS B 5 -18.85 0.38 -11.34
N HIS B 6 -18.01 1.36 -11.65
CA HIS B 6 -16.56 1.28 -11.50
C HIS B 6 -15.96 1.37 -10.08
N HIS B 7 -14.85 0.64 -9.85
CA HIS B 7 -14.17 0.68 -8.54
C HIS B 7 -13.22 1.86 -8.38
N HIS B 8 -13.15 2.38 -7.17
CA HIS B 8 -12.28 3.51 -6.93
C HIS B 8 -11.17 3.12 -5.98
N MET B 9 -11.12 1.86 -5.55
CA MET B 9 -10.06 1.45 -4.64
C MET B 9 -9.70 0.05 -4.99
N VAL B 10 -8.43 -0.30 -4.83
CA VAL B 10 -8.03 -1.67 -5.13
C VAL B 10 -6.88 -2.08 -4.20
N LEU B 11 -6.95 -3.28 -3.62
CA LEU B 11 -5.82 -3.75 -2.84
C LEU B 11 -5.71 -5.23 -3.18
N MET B 12 -4.54 -5.65 -3.63
CA MET B 12 -4.27 -7.06 -3.94
C MET B 12 -2.96 -7.45 -3.26
N THR B 13 -2.92 -8.66 -2.71
CA THR B 13 -1.70 -9.08 -2.03
C THR B 13 -1.22 -10.43 -2.52
N LYS B 14 -1.79 -10.85 -3.64
CA LYS B 14 -1.36 -12.08 -4.34
C LYS B 14 -1.66 -11.84 -5.83
N PRO B 15 -1.09 -12.65 -6.71
CA PRO B 15 -1.30 -12.49 -8.16
C PRO B 15 -2.76 -12.40 -8.45
N GLY B 16 -3.11 -11.46 -9.32
CA GLY B 16 -4.53 -11.32 -9.62
C GLY B 16 -4.72 -10.06 -10.48
N THR B 17 -5.96 -9.87 -10.92
CA THR B 17 -6.34 -8.70 -11.75
C THR B 17 -7.57 -8.04 -11.15
N SER B 18 -7.58 -6.70 -11.11
CA SER B 18 -8.77 -5.96 -10.63
C SER B 18 -9.01 -4.77 -11.56
N ASP B 19 -10.27 -4.45 -11.82
CA ASP B 19 -10.62 -3.29 -12.66
C ASP B 19 -10.88 -2.08 -11.78
N PHE B 20 -10.67 -0.88 -12.30
CA PHE B 20 -10.88 0.34 -11.53
C PHE B 20 -11.02 1.48 -12.51
N VAL B 21 -11.23 2.69 -11.99
CA VAL B 21 -11.35 3.90 -12.84
C VAL B 21 -10.45 4.93 -12.23
N TRP B 22 -9.71 5.64 -13.05
CA TRP B 22 -8.78 6.63 -12.56
C TRP B 22 -8.94 7.86 -13.46
N ASN B 23 -9.32 8.98 -12.87
CA ASN B 23 -9.50 10.20 -13.66
C ASN B 23 -10.48 9.94 -14.81
N GLY B 24 -11.50 9.11 -14.55
CA GLY B 24 -12.49 8.79 -15.58
C GLY B 24 -12.11 7.73 -16.60
N ILE B 25 -10.87 7.26 -16.54
CA ILE B 25 -10.40 6.24 -17.46
C ILE B 25 -10.54 4.83 -16.88
N PRO B 26 -11.27 3.94 -17.55
CA PRO B 26 -11.40 2.58 -17.01
C PRO B 26 -10.07 1.82 -17.26
N LEU B 27 -9.57 1.12 -16.23
CA LEU B 27 -8.28 0.43 -16.29
C LEU B 27 -8.36 -0.93 -15.60
N SER B 28 -7.28 -1.71 -15.74
CA SER B 28 -7.16 -2.99 -15.08
C SER B 28 -5.76 -2.97 -14.43
N MET B 29 -5.64 -3.58 -13.26
CA MET B 29 -4.36 -3.61 -12.54
C MET B 29 -4.07 -5.11 -12.41
N GLU B 30 -2.83 -5.53 -12.73
CA GLU B 30 -2.52 -6.93 -12.57
C GLU B 30 -1.25 -7.09 -11.71
N LEU B 31 -1.36 -7.84 -10.61
CA LEU B 31 -0.18 -8.12 -9.76
C LEU B 31 0.33 -9.38 -10.51
N ASN B 32 1.11 -9.11 -11.53
CA ASN B 32 1.55 -10.12 -12.47
C ASN B 32 2.94 -10.71 -12.22
N LEU B 33 2.93 -11.95 -11.72
CA LEU B 33 4.17 -12.70 -11.40
C LEU B 33 4.16 -13.85 -12.37
N TRP B 34 3.90 -13.56 -13.66
CA TRP B 34 3.67 -14.64 -14.59
C TRP B 34 4.73 -15.77 -14.72
N ASN B 35 6.00 -15.49 -14.46
CA ASN B 35 7.01 -16.51 -14.65
C ASN B 35 7.69 -16.95 -13.35
N ILE B 36 7.01 -16.75 -12.24
CA ILE B 36 7.53 -17.17 -10.94
C ILE B 36 6.84 -18.48 -10.55
N LYS B 37 7.65 -19.53 -10.33
CA LYS B 37 7.11 -20.87 -9.96
C LYS B 37 6.59 -20.78 -8.51
N GLU B 38 7.35 -20.16 -7.63
CA GLU B 38 6.89 -20.01 -6.25
C GLU B 38 7.67 -18.87 -5.61
N TYR B 39 7.17 -18.38 -4.48
CA TYR B 39 7.85 -17.33 -3.72
C TYR B 39 7.41 -17.32 -2.27
N SER B 40 8.22 -16.71 -1.42
CA SER B 40 7.88 -16.50 -0.04
C SER B 40 7.94 -14.99 0.09
N GLY B 41 7.37 -14.45 1.16
CA GLY B 41 7.43 -13.03 1.41
C GLY B 41 6.11 -12.30 1.13
N SER B 42 6.16 -11.02 0.81
CA SER B 42 4.92 -10.31 0.57
C SER B 42 4.99 -9.43 -0.64
N VAL B 43 3.85 -9.30 -1.28
CA VAL B 43 3.67 -8.37 -2.41
C VAL B 43 2.34 -7.65 -2.14
N ALA B 44 2.30 -6.39 -2.54
CA ALA B 44 1.09 -5.61 -2.35
C ALA B 44 0.97 -4.58 -3.47
N MET B 45 -0.23 -4.49 -4.03
CA MET B 45 -0.50 -3.54 -5.10
C MET B 45 -1.80 -2.80 -4.70
N LYS B 46 -1.76 -1.48 -4.80
CA LYS B 46 -2.91 -0.67 -4.37
C LYS B 46 -3.21 0.48 -5.27
N PHE B 47 -4.48 0.81 -5.35
CA PHE B 47 -4.93 2.02 -6.09
C PHE B 47 -5.81 2.67 -5.03
N ASP B 48 -5.55 3.92 -4.74
CA ASP B 48 -6.33 4.58 -3.71
C ASP B 48 -7.16 5.75 -4.22
N GLY B 49 -7.41 5.80 -5.52
CA GLY B 49 -8.17 6.91 -6.08
C GLY B 49 -7.28 7.98 -6.66
N GLU B 50 -6.01 8.01 -6.28
CA GLU B 50 -5.09 9.05 -6.75
C GLU B 50 -3.77 8.52 -7.30
N LYS B 51 -3.36 7.36 -6.81
CA LYS B 51 -2.10 6.79 -7.25
C LYS B 51 -2.12 5.26 -7.19
N ILE B 52 -1.22 4.64 -7.97
CA ILE B 52 -1.11 3.19 -7.96
C ILE B 52 0.25 2.95 -7.33
N THR B 53 0.32 2.06 -6.34
CA THR B 53 1.60 1.71 -5.74
C THR B 53 1.75 0.22 -5.73
N PHE B 54 3.01 -0.20 -5.80
CA PHE B 54 3.35 -1.60 -5.79
C PHE B 54 4.59 -1.78 -4.89
N ASP B 55 4.60 -2.83 -4.09
CA ASP B 55 5.82 -3.13 -3.34
C ASP B 55 5.99 -4.66 -3.23
N ALA B 56 7.24 -5.12 -3.36
CA ALA B 56 7.55 -6.54 -3.21
C ALA B 56 8.75 -6.71 -2.29
N ASP B 57 8.67 -7.71 -1.44
CA ASP B 57 9.81 -8.13 -0.59
C ASP B 57 9.63 -9.63 -0.64
N ILE B 58 10.17 -10.26 -1.70
CA ILE B 58 9.95 -11.69 -1.90
C ILE B 58 11.24 -12.43 -2.05
N GLN B 59 11.21 -13.70 -1.67
CA GLN B 59 12.39 -14.56 -1.75
C GLN B 59 11.94 -15.92 -2.26
N ASN B 60 12.87 -16.88 -2.23
CA ASN B 60 12.62 -18.25 -2.68
C ASN B 60 12.18 -18.30 -4.11
N LEU B 61 12.66 -17.35 -4.93
CA LEU B 61 12.24 -17.26 -6.32
C LEU B 61 12.94 -18.21 -7.27
N SER B 62 12.16 -18.72 -8.23
CA SER B 62 12.70 -19.53 -9.35
C SER B 62 11.65 -19.36 -10.49
N PRO B 63 12.12 -19.41 -11.72
CA PRO B 63 11.22 -19.25 -12.87
C PRO B 63 10.45 -20.49 -13.24
N LYS B 64 9.27 -20.29 -13.80
CA LYS B 64 8.50 -21.43 -14.31
C LYS B 64 9.27 -21.89 -15.56
N GLU B 65 9.71 -20.92 -16.39
CA GLU B 65 10.49 -21.18 -17.63
C GLU B 65 11.69 -20.27 -17.63
N PRO B 66 12.88 -20.80 -17.25
CA PRO B 66 14.16 -20.07 -17.19
C PRO B 66 14.48 -19.37 -18.50
N GLU B 67 14.08 -20.00 -19.59
CA GLU B 67 14.34 -19.46 -20.93
C GLU B 67 13.74 -18.08 -21.15
N ARG B 68 12.57 -17.83 -20.54
CA ARG B 68 11.89 -16.53 -20.67
C ARG B 68 12.67 -15.42 -19.92
N TYR B 69 13.61 -15.86 -19.07
CA TYR B 69 14.51 -14.96 -18.33
C TYR B 69 13.90 -14.11 -17.17
N VAL B 70 12.92 -13.24 -17.44
CA VAL B 70 12.34 -12.41 -16.38
C VAL B 70 11.35 -13.22 -15.52
N LEU B 71 11.00 -12.67 -14.37
CA LEU B 71 10.13 -13.36 -13.45
C LEU B 71 8.70 -12.84 -13.42
N GLY B 72 8.51 -11.52 -13.59
CA GLY B 72 7.15 -11.00 -13.56
C GLY B 72 7.07 -9.59 -14.12
N TYR B 73 5.86 -9.04 -14.10
CA TYR B 73 5.61 -7.72 -14.66
C TYR B 73 4.43 -7.01 -14.00
N PRO B 74 4.53 -6.61 -12.72
CA PRO B 74 3.38 -5.91 -12.06
C PRO B 74 3.07 -4.69 -12.97
N GLU B 75 1.79 -4.48 -13.27
CA GLU B 75 1.41 -3.46 -14.24
C GLU B 75 -0.05 -3.02 -14.10
N PHE B 76 -0.41 -2.02 -14.89
CA PHE B 76 -1.79 -1.61 -15.00
C PHE B 76 -1.92 -1.32 -16.52
N TYR B 77 -3.13 -1.45 -17.04
CA TYR B 77 -3.31 -1.27 -18.46
C TYR B 77 -4.68 -0.78 -18.86
N TYR B 78 -4.71 -0.17 -20.03
CA TYR B 78 -5.89 0.37 -20.70
C TYR B 78 -6.16 -0.54 -21.89
N GLY B 79 -7.37 -1.09 -21.97
CA GLY B 79 -7.67 -1.95 -23.09
C GLY B 79 -7.72 -3.45 -22.75
N TYR B 80 -7.63 -4.26 -23.79
CA TYR B 80 -7.75 -5.70 -23.72
C TYR B 80 -6.39 -6.43 -23.76
N LYS B 81 -6.01 -7.06 -22.64
CA LYS B 81 -4.75 -7.81 -22.62
C LYS B 81 -5.10 -9.25 -23.13
N PRO B 82 -4.61 -9.62 -24.32
CA PRO B 82 -4.91 -10.95 -24.90
C PRO B 82 -4.63 -12.14 -23.99
N TRP B 83 -3.44 -12.17 -23.39
CA TRP B 83 -3.06 -13.31 -22.55
C TRP B 83 -4.00 -13.55 -21.36
N GLU B 84 -4.78 -12.54 -20.97
CA GLU B 84 -5.70 -12.74 -19.85
C GLU B 84 -7.17 -12.68 -20.24
N ASN B 85 -7.40 -12.50 -21.54
CA ASN B 85 -8.75 -12.41 -22.13
C ASN B 85 -9.51 -11.41 -21.27
N HIS B 86 -8.91 -10.26 -21.05
CA HIS B 86 -9.55 -9.34 -20.12
C HIS B 86 -9.53 -7.89 -20.48
N THR B 87 -10.66 -7.22 -20.32
CA THR B 87 -10.66 -5.78 -20.51
C THR B 87 -11.62 -5.15 -19.53
N ALA B 88 -11.37 -3.92 -19.11
CA ALA B 88 -12.30 -3.24 -18.21
C ALA B 88 -13.42 -2.73 -19.14
N GLU B 89 -14.62 -2.54 -18.59
CA GLU B 89 -15.76 -2.06 -19.39
C GLU B 89 -15.55 -0.61 -19.80
N GLY B 90 -15.93 -0.25 -21.01
CA GLY B 90 -15.76 1.15 -21.40
C GLY B 90 -14.46 1.55 -22.10
N SER B 91 -13.56 0.60 -22.33
CA SER B 91 -12.31 0.93 -23.01
C SER B 91 -12.50 1.17 -24.51
N LYS B 92 -11.74 2.08 -25.12
CA LYS B 92 -11.89 2.32 -26.57
C LYS B 92 -11.02 1.35 -27.40
N LEU B 93 -10.21 0.50 -26.75
CA LEU B 93 -9.37 -0.47 -27.48
C LEU B 93 -10.07 -1.81 -27.30
N PRO B 94 -9.81 -2.77 -28.18
CA PRO B 94 -8.88 -2.65 -29.31
C PRO B 94 -9.41 -1.86 -30.51
N VAL B 95 -8.51 -1.33 -31.32
CA VAL B 95 -8.89 -0.69 -32.60
C VAL B 95 -7.82 -1.05 -33.64
N PRO B 96 -8.17 -1.06 -34.94
CA PRO B 96 -7.11 -1.37 -35.89
C PRO B 96 -6.01 -0.27 -35.80
N VAL B 97 -4.76 -0.66 -36.03
CA VAL B 97 -3.63 0.29 -35.96
C VAL B 97 -3.86 1.48 -36.93
N SER B 98 -4.39 1.19 -38.10
CA SER B 98 -4.64 2.25 -39.11
C SER B 98 -5.59 3.33 -38.61
N SER B 99 -6.47 3.00 -37.68
CA SER B 99 -7.41 4.02 -37.22
C SER B 99 -6.86 4.89 -36.09
N MET B 100 -5.69 4.52 -35.55
CA MET B 100 -5.11 5.30 -34.45
C MET B 100 -4.35 6.48 -35.01
N LYS B 101 -4.92 7.69 -34.94
CA LYS B 101 -4.22 8.86 -35.48
C LYS B 101 -3.17 9.34 -34.49
N SER B 102 -3.52 9.27 -33.21
CA SER B 102 -2.58 9.61 -32.15
C SER B 102 -3.03 9.00 -30.84
N PHE B 103 -2.09 8.83 -29.94
CA PHE B 103 -2.38 8.22 -28.66
C PHE B 103 -1.37 8.77 -27.68
N SER B 104 -1.77 9.83 -27.01
CA SER B 104 -0.91 10.49 -26.05
C SER B 104 -1.04 9.81 -24.67
N VAL B 105 0.10 9.53 -24.05
CA VAL B 105 0.12 8.92 -22.70
C VAL B 105 0.96 9.78 -21.82
N GLU B 106 0.48 10.09 -20.62
CA GLU B 106 1.28 10.87 -19.67
C GLU B 106 1.21 10.18 -18.31
N VAL B 107 2.35 10.05 -17.64
CA VAL B 107 2.32 9.47 -16.30
C VAL B 107 3.54 9.93 -15.52
N SER B 108 3.40 10.04 -14.19
CA SER B 108 4.55 10.40 -13.33
C SER B 108 4.89 9.06 -12.65
N PHE B 109 6.16 8.83 -12.39
CA PHE B 109 6.57 7.57 -11.79
C PHE B 109 7.79 7.77 -10.90
N ASP B 110 7.96 6.84 -9.96
CA ASP B 110 9.09 6.87 -9.07
C ASP B 110 9.28 5.37 -8.79
N ILE B 111 10.42 4.86 -9.20
CA ILE B 111 10.75 3.46 -9.04
C ILE B 111 11.92 3.32 -8.08
N HIS B 112 11.85 2.38 -7.13
CA HIS B 112 12.97 2.17 -6.20
C HIS B 112 13.27 0.69 -6.21
N HIS B 113 14.55 0.32 -6.09
CA HIS B 113 14.92 -1.08 -6.14
C HIS B 113 16.28 -1.34 -5.57
N GLU B 114 16.49 -2.53 -5.03
CA GLU B 114 17.82 -2.88 -4.54
C GLU B 114 18.71 -2.71 -5.78
N PRO B 115 19.92 -2.24 -5.55
CA PRO B 115 20.83 -2.02 -6.67
C PRO B 115 21.18 -3.12 -7.69
N SER B 116 21.17 -4.39 -7.32
CA SER B 116 21.52 -5.41 -8.31
C SER B 116 20.31 -6.04 -9.06
N LEU B 117 19.11 -5.66 -8.67
CA LEU B 117 17.94 -6.27 -9.29
C LEU B 117 17.72 -5.98 -10.77
N PRO B 118 17.62 -7.01 -11.63
CA PRO B 118 17.38 -6.78 -13.05
C PRO B 118 15.95 -6.20 -13.09
N LEU B 119 15.74 -5.05 -13.72
CA LEU B 119 14.41 -4.44 -13.72
C LEU B 119 14.31 -3.38 -14.81
N ASN B 120 13.10 -3.14 -15.27
CA ASN B 120 12.92 -2.02 -16.22
C ASN B 120 11.61 -1.34 -15.91
N PHE B 121 11.36 -0.22 -16.57
CA PHE B 121 10.07 0.45 -16.47
C PHE B 121 9.72 0.42 -17.96
N ALA B 122 8.72 -0.37 -18.30
CA ALA B 122 8.37 -0.56 -19.71
C ALA B 122 6.89 -0.56 -19.96
N MET B 123 6.50 0.04 -21.08
CA MET B 123 5.14 0.05 -21.52
C MET B 123 5.10 -0.85 -22.73
N GLU B 124 3.94 -1.44 -23.02
CA GLU B 124 3.90 -2.25 -24.19
C GLU B 124 2.51 -2.45 -24.72
N THR B 125 2.43 -2.93 -25.97
CA THR B 125 1.15 -3.24 -26.56
C THR B 125 1.33 -4.59 -27.26
N TRP B 126 0.21 -5.22 -27.59
CA TRP B 126 0.23 -6.46 -28.37
C TRP B 126 -0.59 -6.16 -29.64
N LEU B 127 -0.02 -6.36 -30.83
CA LEU B 127 -0.77 -6.10 -32.06
C LEU B 127 -1.10 -7.48 -32.60
N THR B 128 -2.39 -7.74 -32.79
CA THR B 128 -2.86 -9.06 -33.19
C THR B 128 -3.73 -9.05 -34.44
N ARG B 129 -3.68 -10.17 -35.18
CA ARG B 129 -4.45 -10.33 -36.41
C ARG B 129 -5.95 -10.29 -36.18
N GLU B 130 -6.43 -10.96 -35.14
CA GLU B 130 -7.86 -10.90 -34.81
C GLU B 130 -8.02 -9.98 -33.58
N LYS B 131 -9.25 -9.48 -33.36
CA LYS B 131 -9.50 -8.55 -32.29
C LYS B 131 -9.36 -9.01 -30.86
N TYR B 132 -9.75 -10.25 -30.57
CA TYR B 132 -9.71 -10.77 -29.22
C TYR B 132 -8.98 -12.12 -29.13
N GLN B 133 -7.72 -12.18 -29.53
CA GLN B 133 -6.98 -13.44 -29.44
C GLN B 133 -6.68 -13.64 -27.95
N THR B 134 -6.30 -14.87 -27.59
CA THR B 134 -5.96 -15.17 -26.21
C THR B 134 -4.49 -15.51 -26.12
N GLU B 135 -3.82 -15.37 -27.26
CA GLU B 135 -2.37 -15.50 -27.31
C GLU B 135 -1.81 -14.80 -28.55
N ALA B 136 -0.51 -14.59 -28.58
CA ALA B 136 0.15 -14.00 -29.75
C ALA B 136 0.93 -15.10 -30.42
N SER B 137 0.95 -15.10 -31.74
CA SER B 137 1.73 -16.11 -32.42
C SER B 137 2.32 -15.49 -33.68
N ILE B 138 2.77 -16.31 -34.63
CA ILE B 138 3.44 -15.75 -35.80
C ILE B 138 2.45 -14.96 -36.60
N GLY B 139 2.83 -13.71 -36.84
CA GLY B 139 2.01 -12.76 -37.54
C GLY B 139 1.64 -11.66 -36.55
N ASP B 140 1.83 -11.91 -35.24
CA ASP B 140 1.51 -10.92 -34.23
C ASP B 140 2.77 -10.20 -33.76
N VAL B 141 2.58 -9.09 -33.04
CA VAL B 141 3.73 -8.31 -32.62
C VAL B 141 3.55 -7.84 -31.18
N GLU B 142 4.67 -7.76 -30.47
CA GLU B 142 4.70 -7.24 -29.09
C GLU B 142 5.64 -6.06 -29.21
N ILE B 143 5.19 -4.86 -28.82
CA ILE B 143 6.07 -3.70 -28.90
C ILE B 143 6.19 -3.06 -27.53
N MET B 144 7.43 -2.94 -27.07
CA MET B 144 7.73 -2.37 -25.76
C MET B 144 8.47 -1.05 -25.88
N VAL B 145 8.33 -0.18 -24.86
CA VAL B 145 9.00 1.09 -24.81
C VAL B 145 9.55 1.15 -23.40
N TRP B 146 10.85 1.05 -23.28
CA TRP B 146 11.47 1.05 -21.95
C TRP B 146 12.00 2.44 -21.59
N PHE B 147 11.46 3.04 -20.55
CA PHE B 147 11.92 4.35 -20.11
C PHE B 147 13.07 4.23 -19.13
N TYR B 148 13.20 3.05 -18.50
CA TYR B 148 14.25 2.81 -17.51
C TYR B 148 14.66 1.33 -17.57
N PHE B 149 15.90 1.05 -17.16
CA PHE B 149 16.37 -0.34 -17.06
C PHE B 149 17.51 -0.36 -16.08
N ASN B 150 17.70 -1.47 -15.39
CA ASN B 150 18.84 -1.62 -14.43
C ASN B 150 19.24 -3.10 -14.60
N ASN B 151 20.50 -3.35 -14.96
CA ASN B 151 20.98 -4.74 -15.19
C ASN B 151 20.06 -5.62 -16.00
N LEU B 152 19.53 -5.08 -17.09
CA LEU B 152 18.61 -5.87 -17.92
C LEU B 152 18.68 -5.32 -19.34
N THR B 153 18.72 -6.22 -20.31
CA THR B 153 18.77 -5.89 -21.73
C THR B 153 17.53 -6.49 -22.34
N PRO B 154 17.04 -5.91 -23.45
CA PRO B 154 15.83 -6.44 -24.11
C PRO B 154 16.20 -7.76 -24.78
N GLY B 155 15.19 -8.48 -25.22
CA GLY B 155 15.45 -9.71 -25.93
C GLY B 155 15.94 -9.44 -27.35
N GLY B 156 16.46 -10.48 -28.02
CA GLY B 156 16.90 -10.34 -29.39
C GLY B 156 18.17 -9.54 -29.52
N GLU B 157 18.30 -8.81 -30.63
CA GLU B 157 19.47 -7.98 -30.86
C GLU B 157 19.11 -6.58 -31.32
N LYS B 158 20.02 -5.66 -31.03
CA LYS B 158 19.83 -4.28 -31.39
C LYS B 158 20.00 -4.13 -32.89
N ILE B 159 18.96 -3.69 -33.56
CA ILE B 159 19.08 -3.57 -34.98
C ILE B 159 19.20 -2.13 -35.46
N GLU B 160 18.79 -1.15 -34.66
CA GLU B 160 18.86 0.24 -35.14
C GLU B 160 18.63 1.23 -34.00
N GLU B 161 18.82 2.52 -34.25
CA GLU B 161 18.55 3.55 -33.24
C GLU B 161 17.62 4.53 -33.91
N PHE B 162 16.69 5.09 -33.14
CA PHE B 162 15.74 6.08 -33.67
C PHE B 162 15.75 7.27 -32.75
N THR B 163 15.45 8.44 -33.28
CA THR B 163 15.35 9.61 -32.45
C THR B 163 13.85 9.86 -32.35
N ILE B 164 13.31 9.84 -31.12
CA ILE B 164 11.88 10.02 -30.97
C ILE B 164 11.66 10.97 -29.79
N PRO B 165 10.89 12.06 -30.01
CA PRO B 165 10.67 12.99 -28.90
C PRO B 165 9.69 12.54 -27.85
N PHE B 166 9.79 13.17 -26.69
CA PHE B 166 8.85 12.93 -25.60
C PHE B 166 9.00 14.12 -24.64
N VAL B 167 7.98 14.38 -23.83
CA VAL B 167 8.06 15.47 -22.89
C VAL B 167 8.48 14.88 -21.54
N LEU B 168 9.63 15.32 -21.02
CA LEU B 168 10.18 14.85 -19.73
C LEU B 168 10.08 16.00 -18.75
N ASN B 169 9.35 15.79 -17.66
CA ASN B 169 9.19 16.86 -16.68
C ASN B 169 8.81 18.19 -17.33
N GLY B 170 7.79 18.15 -18.17
CA GLY B 170 7.32 19.36 -18.81
C GLY B 170 8.10 19.91 -19.98
N GLU B 171 9.31 19.41 -20.28
CA GLU B 171 10.11 19.90 -21.42
C GLU B 171 10.40 18.86 -22.54
N SER B 172 10.11 19.23 -23.79
CA SER B 172 10.36 18.33 -24.90
C SER B 172 11.82 17.98 -24.98
N VAL B 173 12.08 16.72 -25.26
CA VAL B 173 13.46 16.23 -25.40
C VAL B 173 13.46 15.23 -26.57
N GLU B 174 14.61 15.14 -27.23
CA GLU B 174 14.78 14.24 -28.36
C GLU B 174 15.47 13.00 -27.82
N GLY B 175 14.69 11.97 -27.48
CA GLY B 175 15.31 10.77 -26.94
C GLY B 175 15.90 9.89 -28.04
N THR B 176 16.98 9.21 -27.70
CA THR B 176 17.62 8.29 -28.58
C THR B 176 17.19 6.93 -28.10
N TRP B 177 16.57 6.17 -28.99
CA TRP B 177 16.03 4.85 -28.68
C TRP B 177 16.65 3.72 -29.45
N GLU B 178 17.12 2.72 -28.74
CA GLU B 178 17.68 1.55 -29.39
C GLU B 178 16.50 0.63 -29.69
N LEU B 179 16.42 0.12 -30.91
CA LEU B 179 15.40 -0.83 -31.27
C LEU B 179 16.02 -2.23 -31.26
N TRP B 180 15.47 -3.10 -30.42
CA TRP B 180 15.87 -4.49 -30.27
C TRP B 180 14.79 -5.35 -30.90
N LEU B 181 15.18 -6.36 -31.69
CA LEU B 181 14.20 -7.19 -32.34
C LEU B 181 14.50 -8.64 -32.18
N ALA B 182 13.44 -9.43 -31.97
CA ALA B 182 13.60 -10.86 -31.82
C ALA B 182 12.44 -11.53 -32.53
N GLU B 183 12.73 -12.65 -33.18
CA GLU B 183 11.67 -13.41 -33.85
C GLU B 183 11.49 -14.70 -33.08
N TRP B 184 10.54 -14.68 -32.14
CA TRP B 184 10.23 -15.85 -31.31
C TRP B 184 8.89 -16.42 -31.78
N GLY B 185 8.01 -16.77 -30.84
CA GLY B 185 6.71 -17.29 -31.20
C GLY B 185 5.88 -16.16 -31.81
N TRP B 186 6.39 -14.94 -31.68
CA TRP B 186 5.73 -13.79 -32.25
C TRP B 186 6.88 -12.77 -32.44
N ASP B 187 6.64 -11.65 -33.09
CA ASP B 187 7.74 -10.70 -33.24
C ASP B 187 7.84 -9.80 -32.01
N TYR B 188 9.05 -9.67 -31.49
CA TYR B 188 9.30 -8.84 -30.33
C TYR B 188 10.13 -7.62 -30.72
N LEU B 189 9.64 -6.42 -30.38
CA LEU B 189 10.34 -5.18 -30.65
C LEU B 189 10.37 -4.41 -29.37
N ALA B 190 11.55 -4.00 -28.93
CA ALA B 190 11.62 -3.21 -27.74
C ALA B 190 12.46 -1.97 -28.05
N PHE B 191 11.90 -0.80 -27.76
CA PHE B 191 12.58 0.45 -27.93
C PHE B 191 13.10 0.83 -26.52
N ARG B 192 14.41 0.91 -26.35
CA ARG B 192 14.97 1.22 -25.06
C ARG B 192 15.62 2.58 -25.08
N LEU B 193 15.19 3.45 -24.20
CA LEU B 193 15.76 4.79 -24.12
C LEU B 193 17.22 4.74 -23.67
N LYS B 194 18.11 5.37 -24.43
CA LYS B 194 19.54 5.30 -24.06
C LYS B 194 19.91 5.97 -22.75
N ASP B 195 19.15 6.98 -22.35
CA ASP B 195 19.38 7.67 -21.08
C ASP B 195 18.20 7.33 -20.15
N PRO B 196 18.27 6.19 -19.47
CA PRO B 196 17.17 5.77 -18.59
C PRO B 196 16.77 6.74 -17.49
N VAL B 197 15.47 6.79 -17.21
CA VAL B 197 14.89 7.69 -16.20
C VAL B 197 14.18 6.85 -15.14
N LYS B 198 14.61 6.98 -13.89
CA LYS B 198 14.08 6.20 -12.76
C LYS B 198 12.87 6.86 -12.08
N LYS B 199 12.82 8.20 -12.15
CA LYS B 199 11.75 8.97 -11.54
C LYS B 199 11.52 10.20 -12.44
N GLY B 200 10.26 10.59 -12.63
CA GLY B 200 9.99 11.74 -13.47
C GLY B 200 8.57 11.71 -13.97
N ARG B 201 8.30 12.52 -14.98
CA ARG B 201 6.98 12.57 -15.56
C ARG B 201 7.28 12.52 -17.08
N VAL B 202 6.55 11.72 -17.81
CA VAL B 202 6.79 11.67 -19.23
C VAL B 202 5.45 11.71 -19.93
N LYS B 203 5.45 12.32 -21.12
CA LYS B 203 4.25 12.40 -21.95
C LYS B 203 4.80 12.16 -23.36
N PHE B 204 4.17 11.26 -24.10
CA PHE B 204 4.62 10.93 -25.45
C PHE B 204 3.45 10.41 -26.27
N ASP B 205 3.64 10.42 -27.58
CA ASP B 205 2.64 9.92 -28.51
C ASP B 205 3.09 8.52 -28.97
N VAL B 206 2.29 7.51 -28.62
CA VAL B 206 2.56 6.12 -28.95
C VAL B 206 2.65 5.95 -30.46
N ARG B 207 1.96 6.81 -31.20
CA ARG B 207 2.01 6.70 -32.66
C ARG B 207 3.44 6.78 -33.23
N HIS B 208 4.34 7.50 -32.58
CA HIS B 208 5.73 7.58 -33.12
C HIS B 208 6.38 6.21 -33.07
N PHE B 209 6.09 5.47 -32.02
CA PHE B 209 6.66 4.12 -31.92
C PHE B 209 5.98 3.14 -32.90
N LEU B 210 4.68 3.30 -33.14
CA LEU B 210 3.98 2.43 -34.09
C LEU B 210 4.55 2.67 -35.49
N ASP B 211 4.82 3.93 -35.82
CA ASP B 211 5.41 4.31 -37.13
C ASP B 211 6.78 3.68 -37.33
N ALA B 212 7.65 3.78 -36.33
CA ALA B 212 8.99 3.23 -36.42
C ALA B 212 8.92 1.70 -36.49
N ALA B 213 8.06 1.07 -35.67
CA ALA B 213 7.93 -0.37 -35.69
C ALA B 213 7.39 -0.81 -37.08
N GLY B 214 6.37 -0.10 -37.59
CA GLY B 214 5.82 -0.47 -38.89
C GLY B 214 6.95 -0.38 -39.93
N LYS B 215 7.78 0.64 -39.85
CA LYS B 215 8.89 0.74 -40.82
C LYS B 215 9.84 -0.44 -40.69
N ALA B 216 10.26 -0.74 -39.48
CA ALA B 216 11.17 -1.87 -39.31
C ALA B 216 10.61 -3.20 -39.78
N LEU B 217 9.29 -3.42 -39.69
CA LEU B 217 8.64 -4.69 -40.08
C LEU B 217 8.11 -4.72 -41.49
N SER B 218 8.31 -3.62 -42.18
CA SER B 218 7.80 -3.49 -43.53
C SER B 218 8.24 -4.63 -44.44
N SER B 219 9.48 -5.06 -44.32
CA SER B 219 9.94 -6.12 -45.18
C SER B 219 9.84 -7.49 -44.55
N SER B 220 9.14 -7.62 -43.44
CA SER B 220 9.03 -8.90 -42.74
C SER B 220 8.32 -10.02 -43.50
N ALA B 221 8.87 -11.21 -43.38
CA ALA B 221 8.24 -12.39 -43.98
C ALA B 221 7.19 -12.97 -42.97
N ARG B 222 7.25 -12.50 -41.73
CA ARG B 222 6.37 -13.00 -40.69
C ARG B 222 5.19 -12.09 -40.40
N VAL B 223 5.47 -10.82 -40.25
CA VAL B 223 4.40 -9.89 -39.97
C VAL B 223 3.90 -9.25 -41.27
N LYS B 224 2.60 -9.36 -41.55
CA LYS B 224 2.05 -8.78 -42.78
C LYS B 224 0.94 -7.77 -42.46
N ASP B 225 0.80 -6.77 -43.32
CA ASP B 225 -0.27 -5.81 -43.14
C ASP B 225 -0.35 -5.23 -41.72
N PHE B 226 0.78 -4.67 -41.30
CA PHE B 226 0.94 -4.08 -39.97
C PHE B 226 -0.20 -3.13 -39.56
N GLU B 227 -0.60 -2.25 -40.48
CA GLU B 227 -1.65 -1.29 -40.19
C GLU B 227 -3.05 -1.91 -40.04
N ASP B 228 -3.22 -3.16 -40.47
CA ASP B 228 -4.53 -3.81 -40.28
C ASP B 228 -4.57 -4.58 -38.92
N LEU B 229 -3.43 -4.70 -38.26
CA LEU B 229 -3.42 -5.41 -36.97
C LEU B 229 -4.21 -4.62 -35.94
N TYR B 230 -4.74 -5.32 -34.94
CA TYR B 230 -5.45 -4.66 -33.85
C TYR B 230 -4.48 -4.22 -32.71
N PHE B 231 -4.59 -2.94 -32.33
CA PHE B 231 -3.79 -2.36 -31.25
C PHE B 231 -4.70 -2.72 -30.07
N THR B 232 -4.28 -3.69 -29.29
CA THR B 232 -5.15 -4.20 -28.24
C THR B 232 -5.18 -3.56 -26.89
N VAL B 233 -4.02 -3.05 -26.45
CA VAL B 233 -3.89 -2.61 -25.09
C VAL B 233 -2.66 -1.72 -24.93
N TRP B 234 -2.62 -0.97 -23.86
CA TRP B 234 -1.42 -0.21 -23.49
C TRP B 234 -1.14 -0.55 -22.01
N GLU B 235 -0.06 -1.32 -21.79
CA GLU B 235 0.39 -1.79 -20.48
C GLU B 235 1.53 -0.93 -19.97
N ILE B 236 1.51 -0.60 -18.68
CA ILE B 236 2.55 0.18 -18.02
C ILE B 236 2.94 -0.56 -16.76
N GLY B 237 4.21 -0.96 -16.67
CA GLY B 237 4.62 -1.71 -15.51
C GLY B 237 6.13 -1.86 -15.43
N THR B 238 6.59 -2.81 -14.60
CA THR B 238 8.04 -3.03 -14.43
C THR B 238 8.36 -4.53 -14.50
N GLU B 239 9.11 -4.95 -15.50
CA GLU B 239 9.46 -6.36 -15.55
C GLU B 239 10.62 -6.47 -14.54
N PHE B 240 10.83 -7.65 -13.97
CA PHE B 240 11.97 -7.76 -13.04
C PHE B 240 12.43 -9.21 -13.00
N GLY B 241 13.66 -9.37 -12.52
CA GLY B 241 14.22 -10.69 -12.31
C GLY B 241 15.06 -11.29 -13.45
N SER B 242 15.72 -12.38 -13.11
CA SER B 242 16.54 -13.17 -14.02
C SER B 242 16.44 -14.61 -13.47
N PRO B 243 17.00 -15.58 -14.20
CA PRO B 243 16.93 -16.95 -13.72
C PRO B 243 17.77 -17.18 -12.46
N GLU B 244 18.70 -16.29 -12.17
CA GLU B 244 19.53 -16.43 -10.98
C GLU B 244 19.02 -15.59 -9.78
N THR B 245 17.95 -14.83 -9.97
CA THR B 245 17.42 -13.95 -8.92
C THR B 245 16.61 -14.78 -7.94
N LYS B 246 17.11 -14.84 -6.71
CA LYS B 246 16.47 -15.61 -5.64
C LYS B 246 15.50 -14.76 -4.81
N SER B 247 15.79 -13.47 -4.73
CA SER B 247 14.95 -12.58 -3.94
C SER B 247 14.85 -11.22 -4.64
N ALA B 248 13.83 -10.45 -4.32
CA ALA B 248 13.63 -9.14 -4.97
C ALA B 248 12.96 -8.19 -4.02
N GLN B 249 13.57 -7.01 -3.83
CA GLN B 249 12.94 -5.99 -2.99
C GLN B 249 12.83 -4.76 -3.91
N PHE B 250 11.61 -4.32 -4.23
CA PHE B 250 11.49 -3.12 -5.08
C PHE B 250 10.05 -2.67 -5.03
N GLY B 251 9.77 -1.52 -5.64
CA GLY B 251 8.42 -1.01 -5.61
C GLY B 251 8.37 0.26 -6.42
N TRP B 252 7.18 0.82 -6.59
CA TRP B 252 7.07 2.05 -7.35
C TRP B 252 5.75 2.68 -7.06
N LYS B 253 5.59 3.89 -7.60
CA LYS B 253 4.37 4.64 -7.43
C LYS B 253 4.10 5.30 -8.79
N PHE B 254 2.87 5.25 -9.32
CA PHE B 254 2.50 5.92 -10.57
C PHE B 254 1.43 6.95 -10.17
N GLU B 255 1.50 8.17 -10.72
CA GLU B 255 0.55 9.25 -10.40
C GLU B 255 0.33 10.06 -11.66
N ASN B 256 -0.62 11.02 -11.62
CA ASN B 256 -0.86 11.94 -12.74
C ASN B 256 -1.03 11.28 -14.10
N PHE B 257 -1.85 10.24 -14.15
CA PHE B 257 -2.09 9.52 -15.36
C PHE B 257 -3.16 10.17 -16.24
N SER B 258 -2.89 10.29 -17.55
CA SER B 258 -3.91 10.73 -18.49
C SER B 258 -3.59 10.16 -19.87
N ILE B 259 -4.63 9.99 -20.69
CA ILE B 259 -4.45 9.52 -22.05
C ILE B 259 -5.32 10.31 -22.99
N ASP B 260 -4.89 10.47 -24.24
CA ASP B 260 -5.76 11.13 -25.25
C ASP B 260 -5.65 10.23 -26.46
N LEU B 261 -6.62 9.35 -26.64
CA LEU B 261 -6.60 8.46 -27.78
C LEU B 261 -7.47 9.02 -28.93
N GLU B 262 -6.87 9.30 -30.08
CA GLU B 262 -7.59 9.84 -31.23
C GLU B 262 -7.82 8.75 -32.24
N VAL B 263 -9.05 8.29 -32.37
CA VAL B 263 -9.33 7.20 -33.31
C VAL B 263 -10.22 7.73 -34.43
N ARG B 264 -9.89 7.37 -35.66
CA ARG B 264 -10.68 7.87 -36.78
C ARG B 264 -10.56 6.77 -37.81
N GLU B 265 -11.62 5.96 -37.84
CA GLU B 265 -11.70 4.78 -38.69
C GLU B 265 -12.10 5.04 -40.11
C2 BGC C . -19.85 -3.34 24.38
C3 BGC C . -18.39 -2.91 24.34
C4 BGC C . -18.06 -2.17 23.04
C5 BGC C . -19.15 -1.18 22.67
C6 BGC C . -18.89 -0.69 21.23
C1 BGC C . -20.77 -2.14 24.09
O1 BGC C . -22.14 -2.53 24.19
O2 BGC C . -20.14 -3.85 25.69
O3 BGC C . -17.57 -4.08 24.47
O4 BGC C . -16.86 -1.39 23.23
O5 BGC C . -20.49 -1.68 22.77
O6 BGC C . -19.99 0.08 20.75
C2 BGC C . -14.63 -0.83 22.81
C3 BGC C . -13.17 -1.24 22.62
C4 BGC C . -12.71 -2.36 23.56
C5 BGC C . -13.85 -3.38 23.51
C6 BGC C . -13.52 -4.68 24.24
C1 BGC C . -15.60 -2.00 22.90
O2 BGC C . -15.03 0.01 21.72
O3 BGC C . -12.39 -0.06 22.89
O4 BGC C . -11.52 -2.97 23.06
O5 BGC C . -15.13 -2.86 23.94
O6 BGC C . -12.63 -5.41 23.42
C2 BGC C . -9.95 -4.26 24.47
C3 BGC C . -8.48 -4.71 24.48
C4 BGC C . -7.93 -4.71 23.06
C5 BGC C . -8.01 -3.27 22.60
C6 BGC C . -7.56 -3.24 21.13
C1 BGC C . -10.23 -2.95 23.72
O2 BGC C . -10.34 -4.16 25.84
O3 BGC C . -8.40 -6.05 24.97
O4 BGC C . -6.54 -5.11 23.04
O5 BGC C . -9.38 -2.82 22.56
O6 BGC C . -8.62 -3.78 20.34
C2 BGC C . -4.88 -6.57 22.07
C3 BGC C . -4.62 -7.99 21.57
C4 BGC C . -4.93 -8.95 22.71
C5 BGC C . -6.35 -8.73 23.25
C6 BGC C . -6.50 -9.61 24.50
C1 BGC C . -6.33 -6.44 22.54
O2 BGC C . -4.63 -5.64 21.02
O3 BGC C . -3.26 -8.14 21.17
O4 BGC C . -4.85 -10.30 22.21
O5 BGC C . -6.51 -7.36 23.63
O6 BGC C . -7.76 -9.34 25.12
C2 BGC D . 17.53 -13.28 -23.09
C3 BGC D . 16.38 -12.28 -23.19
C4 BGC D . 16.36 -11.34 -21.98
C5 BGC D . 17.75 -10.74 -21.77
C6 BGC D . 17.81 -9.89 -20.50
C1 BGC D . 18.86 -12.56 -22.84
O1 BGC D . 19.90 -13.52 -22.62
O2 BGC D . 17.59 -14.00 -24.34
O3 BGC D . 15.15 -12.99 -23.30
O4 BGC D . 15.46 -10.25 -22.23
O5 BGC D . 18.78 -11.74 -21.67
O6 BGC D . 19.15 -9.45 -20.26
C2 BGC D . 13.44 -9.08 -22.05
C3 BGC D . 11.94 -9.06 -21.73
C4 BGC D . 11.17 -10.21 -22.39
C5 BGC D . 12.02 -11.47 -22.19
C6 BGC D . 11.40 -12.72 -22.80
C1 BGC D . 14.09 -10.43 -21.83
O2 BGC D . 14.13 -8.15 -21.21
O3 BGC D . 11.44 -7.80 -22.17
O4 BGC D . 9.87 -10.36 -21.79
O5 BGC D . 13.37 -11.37 -22.66
O6 BGC D . 10.31 -13.17 -21.99
C2 BGC D . 7.86 -11.16 -22.96
C3 BGC D . 6.33 -11.12 -22.78
C4 BGC D . 5.94 -10.74 -21.35
C5 BGC D . 6.52 -9.34 -21.17
C6 BGC D . 6.20 -8.86 -19.75
C1 BGC D . 8.63 -9.95 -22.40
O2 BGC D . 8.09 -11.29 -24.37
O3 BGC D . 5.81 -12.42 -23.08
O4 BGC D . 4.52 -10.68 -21.17
O5 BGC D . 7.96 -9.39 -21.25
O6 BGC D . 6.97 -9.61 -18.80
C2 BGC D . 2.54 -11.37 -19.97
C3 BGC D . 1.84 -12.53 -19.26
C4 BGC D . 1.78 -13.74 -20.19
C5 BGC D . 3.13 -14.03 -20.85
C6 BGC D . 2.89 -15.08 -21.94
C1 BGC D . 3.92 -11.80 -20.49
O2 BGC D . 2.67 -10.27 -19.09
O3 BGC D . 0.51 -12.15 -18.90
O4 BGC D . 1.42 -14.89 -19.42
O5 BGC D . 3.69 -12.85 -21.44
O6 BGC D . 4.13 -15.44 -22.56
#